data_1Q1T
#
_entry.id   1Q1T
#
_cell.length_a   79.157
_cell.length_b   89.282
_cell.length_c   100.335
_cell.angle_alpha   90.00
_cell.angle_beta   90.00
_cell.angle_gamma   90.00
#
_symmetry.space_group_name_H-M   'P 21 21 21'
#
loop_
_entity.id
_entity.type
_entity.pdbx_description
1 polymer 'Large T antigen'
2 polymer 'Importin alpha-2 subunit'
3 water water
#
loop_
_entity_poly.entity_id
_entity_poly.type
_entity_poly.pdbx_seq_one_letter_code
_entity_poly.pdbx_strand_id
1 'polypeptide(L)' PGSDDEAAADAQHAAPPKKKRKVEY A,B
2 'polypeptide(L)'
;MADIGSNQGTVNWSVEDIVKGINSNNLESQLQATQAARKLLSREKQPPIDNIIRAGLIPKFVSFLGKTDCSPIQFESAWA
LTNIASGTSEQTKAVVDGGAIPAFISLLASPHAHISEQAVWALGNIAGDGSAFRDLVIKHGAIDPLLALLAVPDLSTLAC
GYLRNLTWTLSNLCRNKNPAPPLDAVEQILPTLVRLLHHNDPEVLADSCWAISYLTDGPNERIEMVVKKGVVPQLVKLLG
ATELPIVTPALRAIGNIVTGTDEQTQKVIDAGALAVFPSLLTNPKTNIQKEATWTMSNITAGRQDQIQQVVNHGLVPFLV
GVLSKADFKTQKEAAWAITNYTSGGTVEQIVYLVHCGIIEPLMNLLSAKDTKIIQVILDAISNIFQAAEKLGETEKLSIM
IEECGGLDKIEALQRHENESVYKASLNLIEKYFSVEEEEDQNVVPETTSEGFAFQVQDGAPGTFNF
;
C
#
# COMPACT_ATOMS: atom_id res chain seq x y z
N LYS A 18 7.15 -5.76 20.75
CA LYS A 18 8.01 -4.98 19.79
C LYS A 18 9.19 -4.75 18.86
N LYS A 19 9.68 -5.84 18.26
CA LYS A 19 10.86 -5.84 17.39
C LYS A 19 10.17 -5.78 16.02
N LYS A 20 9.05 -6.47 15.88
CA LYS A 20 8.30 -6.45 14.64
C LYS A 20 7.67 -5.07 14.55
N ARG A 21 8.08 -4.25 13.59
CA ARG A 21 7.46 -2.95 13.50
C ARG A 21 6.60 -2.85 12.24
N LYS A 22 5.29 -2.96 12.44
CA LYS A 22 4.29 -2.90 11.36
C LYS A 22 4.52 -1.64 10.56
N VAL A 23 3.70 -1.38 9.55
CA VAL A 23 3.85 -0.16 8.73
C VAL A 23 4.16 1.01 9.65
N GLU A 24 5.32 0.88 10.29
CA GLU A 24 5.86 1.85 11.20
C GLU A 24 7.25 1.91 10.65
N TYR A 25 7.28 2.26 9.37
CA TYR A 25 8.48 2.43 8.60
C TYR A 25 8.18 3.71 7.84
N ALA B 14 3.94 4.54 -6.25
CA ALA B 14 2.92 4.92 -5.23
C ALA B 14 1.65 4.09 -5.45
N ALA B 15 0.76 4.13 -4.46
CA ALA B 15 -0.51 3.40 -4.51
C ALA B 15 -1.48 3.99 -5.53
N PRO B 16 -2.46 3.18 -5.99
CA PRO B 16 -3.44 3.65 -6.97
C PRO B 16 -4.19 4.89 -6.46
N PRO B 17 -4.61 5.75 -7.37
CA PRO B 17 -5.34 6.97 -6.98
C PRO B 17 -6.57 6.62 -6.16
N LYS B 18 -6.89 7.47 -5.19
CA LYS B 18 -8.08 7.27 -4.36
C LYS B 18 -9.30 7.55 -5.23
N LYS B 19 -9.17 8.56 -6.09
CA LYS B 19 -10.24 8.96 -6.99
C LYS B 19 -9.65 9.12 -8.39
N LYS B 20 -10.52 9.05 -9.40
CA LYS B 20 -10.11 9.20 -10.79
C LYS B 20 -11.17 9.96 -11.55
N ARG B 21 -10.75 10.96 -12.31
CA ARG B 21 -11.66 11.74 -13.13
C ARG B 21 -11.59 11.12 -14.52
N LYS B 22 -12.76 10.91 -15.11
CA LYS B 22 -12.84 10.31 -16.44
C LYS B 22 -12.62 11.40 -17.47
N VAL B 23 -11.39 11.42 -17.98
CA VAL B 23 -11.02 12.41 -18.95
C VAL B 23 -11.56 12.15 -20.34
N GLU B 24 -12.08 13.24 -20.96
CA GLU B 24 -12.60 13.33 -22.33
C GLU B 24 -13.68 12.51 -23.03
N ASN C 7 -21.23 14.81 -31.53
CA ASN C 7 -22.25 15.64 -30.83
C ASN C 7 -21.71 17.03 -30.54
N GLN C 8 -21.13 17.62 -31.57
CA GLN C 8 -20.53 18.97 -31.53
C GLN C 8 -21.41 20.02 -30.84
N GLY C 9 -22.72 19.79 -30.85
CA GLY C 9 -23.63 20.74 -30.24
C GLY C 9 -23.43 20.96 -28.74
N THR C 10 -22.97 19.92 -28.04
CA THR C 10 -22.75 20.01 -26.58
C THR C 10 -21.30 20.28 -26.18
N VAL C 11 -20.57 21.04 -26.99
CA VAL C 11 -19.17 21.34 -26.70
C VAL C 11 -18.94 22.77 -26.19
N ASN C 12 -18.41 22.85 -24.98
CA ASN C 12 -18.09 24.11 -24.31
C ASN C 12 -19.28 25.03 -24.05
N TRP C 13 -20.31 24.49 -23.39
CA TRP C 13 -21.50 25.25 -23.04
C TRP C 13 -21.18 26.04 -21.78
N SER C 14 -22.01 27.04 -21.48
CA SER C 14 -21.83 27.82 -20.28
C SER C 14 -22.69 27.12 -19.22
N VAL C 15 -22.34 27.29 -17.96
CA VAL C 15 -23.11 26.66 -16.89
C VAL C 15 -24.57 27.11 -16.91
N GLU C 16 -24.80 28.38 -17.24
CA GLU C 16 -26.17 28.89 -17.28
C GLU C 16 -26.99 28.24 -18.39
N ASP C 17 -26.35 27.92 -19.51
CA ASP C 17 -27.07 27.27 -20.59
C ASP C 17 -27.44 25.86 -20.16
N ILE C 18 -26.51 25.20 -19.47
CA ILE C 18 -26.72 23.84 -18.96
C ILE C 18 -27.89 23.81 -17.98
N VAL C 19 -27.99 24.85 -17.15
CA VAL C 19 -29.08 24.94 -16.17
C VAL C 19 -30.37 25.12 -16.95
N LYS C 20 -30.30 25.89 -18.02
CA LYS C 20 -31.43 26.18 -18.88
C LYS C 20 -32.03 24.90 -19.49
N GLY C 21 -31.16 24.03 -19.99
CA GLY C 21 -31.62 22.80 -20.61
C GLY C 21 -32.16 21.79 -19.63
N ILE C 22 -31.48 21.67 -18.50
CA ILE C 22 -31.89 20.73 -17.46
C ILE C 22 -33.19 21.17 -16.82
N ASN C 23 -33.41 22.48 -16.76
CA ASN C 23 -34.63 23.03 -16.17
C ASN C 23 -35.78 23.07 -17.15
N SER C 24 -35.51 22.82 -18.44
CA SER C 24 -36.57 22.81 -19.43
C SER C 24 -37.37 21.55 -19.12
N ASN C 25 -38.59 21.44 -19.62
CA ASN C 25 -39.36 20.25 -19.35
C ASN C 25 -39.27 19.23 -20.47
N ASN C 26 -38.25 19.38 -21.30
CA ASN C 26 -38.03 18.50 -22.44
C ASN C 26 -36.92 17.50 -22.11
N LEU C 27 -37.25 16.21 -22.13
CA LEU C 27 -36.27 15.16 -21.81
C LEU C 27 -35.04 15.19 -22.72
N GLU C 28 -35.26 15.43 -24.02
CA GLU C 28 -34.13 15.49 -24.95
C GLU C 28 -33.26 16.70 -24.65
N SER C 29 -33.89 17.83 -24.34
CA SER C 29 -33.14 19.04 -24.00
C SER C 29 -32.27 18.74 -22.78
N GLN C 30 -32.88 18.06 -21.82
CA GLN C 30 -32.19 17.67 -20.59
C GLN C 30 -30.99 16.79 -20.89
N LEU C 31 -31.16 15.87 -21.84
CA LEU C 31 -30.07 14.98 -22.21
C LEU C 31 -28.92 15.78 -22.82
N GLN C 32 -29.24 16.69 -23.74
CA GLN C 32 -28.20 17.50 -24.38
C GLN C 32 -27.48 18.33 -23.33
N ALA C 33 -28.23 18.91 -22.40
CA ALA C 33 -27.63 19.72 -21.35
C ALA C 33 -26.76 18.89 -20.40
N THR C 34 -27.22 17.68 -20.10
CA THR C 34 -26.46 16.81 -19.21
C THR C 34 -25.16 16.40 -19.89
N GLN C 35 -25.23 16.12 -21.19
CA GLN C 35 -24.03 15.73 -21.92
C GLN C 35 -23.04 16.89 -21.94
N ALA C 36 -23.53 18.10 -22.18
CA ALA C 36 -22.67 19.29 -22.20
C ALA C 36 -21.97 19.46 -20.84
N ALA C 37 -22.71 19.18 -19.76
CA ALA C 37 -22.14 19.30 -18.42
C ALA C 37 -21.02 18.29 -18.27
N ARG C 38 -21.29 17.08 -18.74
CA ARG C 38 -20.30 16.02 -18.69
C ARG C 38 -19.05 16.39 -19.49
N LYS C 39 -19.24 17.11 -20.59
CA LYS C 39 -18.08 17.49 -21.39
C LYS C 39 -17.24 18.54 -20.69
N LEU C 40 -17.87 19.47 -19.96
CA LEU C 40 -17.11 20.47 -19.21
C LEU C 40 -16.30 19.74 -18.14
N LEU C 41 -16.97 18.85 -17.42
CA LEU C 41 -16.36 18.08 -16.36
C LEU C 41 -15.33 17.08 -16.85
N SER C 42 -15.25 16.91 -18.17
CA SER C 42 -14.30 15.96 -18.75
C SER C 42 -13.16 16.61 -19.54
N ARG C 43 -13.11 17.93 -19.54
CA ARG C 43 -12.05 18.63 -20.26
C ARG C 43 -10.71 18.43 -19.56
N GLU C 44 -9.67 18.26 -20.35
CA GLU C 44 -8.30 18.01 -19.88
C GLU C 44 -7.82 18.83 -18.69
N LYS C 45 -8.30 20.07 -18.55
CA LYS C 45 -7.83 20.89 -17.44
C LYS C 45 -8.86 21.68 -16.66
N GLN C 46 -8.82 21.51 -15.34
CA GLN C 46 -9.67 22.21 -14.41
C GLN C 46 -11.17 22.23 -14.73
N PRO C 47 -11.87 21.12 -14.46
CA PRO C 47 -13.30 21.07 -14.74
C PRO C 47 -14.01 21.96 -13.72
N PRO C 48 -15.05 22.71 -14.14
CA PRO C 48 -15.77 23.59 -13.22
C PRO C 48 -16.65 22.82 -12.25
N ILE C 49 -16.04 21.97 -11.43
CA ILE C 49 -16.79 21.18 -10.47
C ILE C 49 -17.63 22.03 -9.52
N ASP C 50 -17.05 23.08 -8.93
CA ASP C 50 -17.81 23.92 -8.01
C ASP C 50 -18.93 24.75 -8.65
N ASN C 51 -18.70 25.29 -9.86
CA ASN C 51 -19.73 26.04 -10.56
C ASN C 51 -20.95 25.14 -10.78
N ILE C 52 -20.70 23.88 -11.13
CA ILE C 52 -21.75 22.91 -11.38
C ILE C 52 -22.52 22.62 -10.10
N ILE C 53 -21.80 22.45 -9.00
CA ILE C 53 -22.46 22.17 -7.73
C ILE C 53 -23.28 23.37 -7.27
N ARG C 54 -22.69 24.56 -7.36
CA ARG C 54 -23.34 25.80 -6.94
C ARG C 54 -24.66 26.05 -7.67
N ALA C 55 -24.74 25.60 -8.91
CA ALA C 55 -25.95 25.78 -9.70
C ALA C 55 -27.04 24.79 -9.31
N GLY C 56 -26.74 23.95 -8.31
CA GLY C 56 -27.70 22.96 -7.85
C GLY C 56 -28.05 21.87 -8.85
N LEU C 57 -27.07 21.41 -9.62
CA LEU C 57 -27.33 20.39 -10.62
C LEU C 57 -27.26 18.93 -10.14
N ILE C 58 -26.59 18.69 -9.01
CA ILE C 58 -26.44 17.33 -8.50
C ILE C 58 -27.78 16.59 -8.32
N PRO C 59 -28.77 17.22 -7.65
CA PRO C 59 -30.06 16.55 -7.46
C PRO C 59 -30.69 16.12 -8.80
N LYS C 60 -30.52 16.94 -9.83
CA LYS C 60 -31.09 16.63 -11.15
C LYS C 60 -30.38 15.43 -11.74
N PHE C 61 -29.06 15.48 -11.73
CA PHE C 61 -28.25 14.37 -12.26
C PHE C 61 -28.60 13.09 -11.55
N VAL C 62 -28.65 13.14 -10.22
CA VAL C 62 -28.98 11.94 -9.44
C VAL C 62 -30.34 11.42 -9.90
N SER C 63 -31.26 12.35 -10.15
CA SER C 63 -32.59 12.01 -10.60
C SER C 63 -32.56 11.27 -11.94
N PHE C 64 -31.71 11.74 -12.86
CA PHE C 64 -31.60 11.11 -14.17
C PHE C 64 -30.99 9.72 -14.12
N LEU C 65 -30.37 9.37 -12.99
CA LEU C 65 -29.79 8.05 -12.83
C LEU C 65 -30.89 7.01 -12.84
N GLY C 66 -32.07 7.40 -12.36
CA GLY C 66 -33.19 6.48 -12.31
C GLY C 66 -34.04 6.39 -13.57
N LYS C 67 -33.70 7.15 -14.60
CA LYS C 67 -34.51 7.11 -15.82
C LYS C 67 -34.19 5.91 -16.71
N THR C 68 -34.68 4.75 -16.27
CA THR C 68 -34.49 3.48 -16.98
C THR C 68 -34.91 3.55 -18.44
N ASP C 69 -35.89 4.41 -18.71
CA ASP C 69 -36.40 4.58 -20.06
C ASP C 69 -35.49 5.40 -20.99
N CYS C 70 -34.52 6.10 -20.41
CA CYS C 70 -33.58 6.89 -21.22
C CYS C 70 -32.15 6.60 -20.78
N SER C 71 -31.65 5.42 -21.14
CA SER C 71 -30.32 5.02 -20.77
C SER C 71 -29.24 6.05 -21.13
N PRO C 72 -29.44 6.80 -22.22
CA PRO C 72 -28.39 7.78 -22.54
C PRO C 72 -28.19 8.85 -21.46
N ILE C 73 -29.28 9.32 -20.86
CA ILE C 73 -29.17 10.34 -19.83
C ILE C 73 -28.64 9.72 -18.54
N GLN C 74 -28.87 8.43 -18.36
CA GLN C 74 -28.39 7.70 -17.18
C GLN C 74 -26.87 7.72 -17.21
N PHE C 75 -26.33 7.42 -18.39
CA PHE C 75 -24.89 7.37 -18.61
C PHE C 75 -24.22 8.74 -18.48
N GLU C 76 -24.83 9.75 -19.08
CA GLU C 76 -24.28 11.11 -19.03
C GLU C 76 -24.24 11.63 -17.59
N SER C 77 -25.35 11.53 -16.87
CA SER C 77 -25.37 12.02 -15.51
C SER C 77 -24.46 11.18 -14.63
N ALA C 78 -24.35 9.89 -14.94
CA ALA C 78 -23.50 8.99 -14.18
C ALA C 78 -22.03 9.38 -14.33
N TRP C 79 -21.67 9.82 -15.53
CA TRP C 79 -20.31 10.22 -15.81
C TRP C 79 -20.05 11.60 -15.16
N ALA C 80 -21.02 12.50 -15.25
CA ALA C 80 -20.91 13.83 -14.67
C ALA C 80 -20.73 13.74 -13.16
N LEU C 81 -21.55 12.91 -12.52
CA LEU C 81 -21.49 12.72 -11.09
C LEU C 81 -20.18 12.07 -10.71
N THR C 82 -19.71 11.17 -11.56
CA THR C 82 -18.44 10.50 -11.32
C THR C 82 -17.31 11.51 -11.22
N ASN C 83 -17.27 12.43 -12.17
CA ASN C 83 -16.21 13.42 -12.19
C ASN C 83 -16.32 14.40 -11.04
N ILE C 84 -17.54 14.71 -10.62
CA ILE C 84 -17.71 15.59 -9.48
C ILE C 84 -17.16 14.83 -8.26
N ALA C 85 -17.57 13.56 -8.14
CA ALA C 85 -17.13 12.72 -7.03
C ALA C 85 -15.60 12.52 -6.98
N SER C 86 -14.92 12.74 -8.09
CA SER C 86 -13.47 12.56 -8.13
C SER C 86 -12.75 13.79 -7.55
N GLY C 87 -13.53 14.77 -7.08
CA GLY C 87 -12.90 15.96 -6.55
C GLY C 87 -12.51 15.85 -5.08
N THR C 88 -12.58 16.98 -4.39
CA THR C 88 -12.24 17.04 -2.98
C THR C 88 -13.31 16.31 -2.17
N SER C 89 -13.05 16.11 -0.89
CA SER C 89 -14.01 15.46 0.01
C SER C 89 -15.33 16.20 -0.02
N GLU C 90 -15.28 17.52 -0.02
CA GLU C 90 -16.49 18.32 -0.03
C GLU C 90 -17.29 18.08 -1.30
N GLN C 91 -16.61 18.01 -2.44
CA GLN C 91 -17.26 17.77 -3.71
C GLN C 91 -17.84 16.34 -3.72
N THR C 92 -17.07 15.38 -3.22
CA THR C 92 -17.55 14.01 -3.16
C THR C 92 -18.77 13.96 -2.23
N LYS C 93 -18.73 14.74 -1.16
CA LYS C 93 -19.82 14.78 -0.19
C LYS C 93 -21.11 15.32 -0.84
N ALA C 94 -20.95 16.31 -1.71
CA ALA C 94 -22.10 16.89 -2.40
C ALA C 94 -22.85 15.83 -3.22
N VAL C 95 -22.11 14.86 -3.75
CA VAL C 95 -22.71 13.79 -4.52
C VAL C 95 -23.44 12.82 -3.61
N VAL C 96 -22.80 12.46 -2.51
CA VAL C 96 -23.39 11.56 -1.54
C VAL C 96 -24.65 12.23 -0.97
N ASP C 97 -24.55 13.52 -0.66
CA ASP C 97 -25.68 14.26 -0.12
C ASP C 97 -26.89 14.28 -1.06
N GLY C 98 -26.64 14.14 -2.37
CA GLY C 98 -27.72 14.13 -3.32
C GLY C 98 -28.41 12.78 -3.46
N GLY C 99 -27.97 11.78 -2.69
CA GLY C 99 -28.58 10.46 -2.74
C GLY C 99 -28.03 9.55 -3.83
N ALA C 100 -26.87 9.90 -4.37
CA ALA C 100 -26.27 9.13 -5.46
C ALA C 100 -25.88 7.69 -5.12
N ILE C 101 -25.49 7.42 -3.87
CA ILE C 101 -25.09 6.07 -3.50
C ILE C 101 -26.07 4.98 -3.87
N PRO C 102 -27.31 5.01 -3.32
CA PRO C 102 -28.25 3.94 -3.70
C PRO C 102 -28.59 3.90 -5.20
N ALA C 103 -28.63 5.07 -5.82
CA ALA C 103 -28.93 5.20 -7.25
C ALA C 103 -27.86 4.52 -8.09
N PHE C 104 -26.60 4.71 -7.73
CA PHE C 104 -25.51 4.08 -8.46
C PHE C 104 -25.51 2.58 -8.23
N ILE C 105 -25.93 2.15 -7.04
CA ILE C 105 -25.95 0.72 -6.77
C ILE C 105 -27.00 0.05 -7.66
N SER C 106 -28.13 0.71 -7.85
CA SER C 106 -29.19 0.18 -8.71
C SER C 106 -28.69 0.08 -10.15
N LEU C 107 -27.83 1.02 -10.56
CA LEU C 107 -27.32 1.00 -11.92
C LEU C 107 -26.33 -0.12 -12.16
N LEU C 108 -25.82 -0.72 -11.10
CA LEU C 108 -24.86 -1.81 -11.27
C LEU C 108 -25.44 -2.98 -12.06
N ALA C 109 -26.75 -3.16 -11.98
CA ALA C 109 -27.41 -4.26 -12.68
C ALA C 109 -27.92 -3.86 -14.07
N SER C 110 -27.52 -2.68 -14.54
CA SER C 110 -27.94 -2.20 -15.85
C SER C 110 -27.61 -3.20 -16.97
N PRO C 111 -28.48 -3.28 -17.98
CA PRO C 111 -28.26 -4.20 -19.11
C PRO C 111 -27.17 -3.62 -20.02
N HIS C 112 -26.85 -2.35 -19.78
CA HIS C 112 -25.84 -1.65 -20.56
C HIS C 112 -24.52 -1.68 -19.80
N ALA C 113 -23.55 -2.39 -20.37
CA ALA C 113 -22.24 -2.53 -19.75
C ALA C 113 -21.57 -1.20 -19.44
N HIS C 114 -21.68 -0.23 -20.35
CA HIS C 114 -21.02 1.05 -20.13
C HIS C 114 -21.65 1.86 -19.01
N ILE C 115 -22.92 1.61 -18.73
CA ILE C 115 -23.61 2.34 -17.67
C ILE C 115 -23.25 1.72 -16.33
N SER C 116 -23.23 0.40 -16.30
CA SER C 116 -22.89 -0.35 -15.10
C SER C 116 -21.45 -0.01 -14.71
N GLU C 117 -20.58 0.04 -15.71
CA GLU C 117 -19.18 0.37 -15.48
C GLU C 117 -19.05 1.79 -14.90
N GLN C 118 -19.86 2.72 -15.37
CA GLN C 118 -19.83 4.08 -14.83
C GLN C 118 -20.21 4.09 -13.37
N ALA C 119 -21.23 3.31 -13.01
CA ALA C 119 -21.68 3.23 -11.63
C ALA C 119 -20.53 2.69 -10.80
N VAL C 120 -19.85 1.66 -11.33
CA VAL C 120 -18.71 1.06 -10.64
C VAL C 120 -17.64 2.10 -10.37
N TRP C 121 -17.33 2.91 -11.39
CA TRP C 121 -16.32 3.96 -11.28
C TRP C 121 -16.71 4.94 -10.19
N ALA C 122 -17.93 5.48 -10.29
CA ALA C 122 -18.44 6.44 -9.31
C ALA C 122 -18.40 5.91 -7.88
N LEU C 123 -18.91 4.71 -7.67
CA LEU C 123 -18.89 4.11 -6.34
C LEU C 123 -17.43 4.02 -5.89
N GLY C 124 -16.53 3.79 -6.84
CA GLY C 124 -15.12 3.71 -6.52
C GLY C 124 -14.59 5.05 -6.01
N ASN C 125 -15.05 6.16 -6.61
CA ASN C 125 -14.62 7.48 -6.18
C ASN C 125 -15.21 7.81 -4.81
N ILE C 126 -16.43 7.35 -4.57
CA ILE C 126 -17.08 7.63 -3.30
C ILE C 126 -16.41 6.89 -2.15
N ALA C 127 -16.18 5.59 -2.34
CA ALA C 127 -15.53 4.79 -1.30
C ALA C 127 -14.09 5.23 -1.10
N GLY C 128 -13.46 5.73 -2.17
CA GLY C 128 -12.08 6.17 -2.09
C GLY C 128 -11.85 7.43 -1.27
N ASP C 129 -12.92 8.09 -0.84
CA ASP C 129 -12.76 9.30 -0.05
C ASP C 129 -12.30 8.99 1.37
N GLY C 130 -12.57 7.78 1.85
CA GLY C 130 -12.17 7.41 3.18
C GLY C 130 -13.09 6.40 3.84
N SER C 131 -12.82 6.12 5.11
CA SER C 131 -13.56 5.14 5.91
C SER C 131 -15.08 5.31 5.93
N ALA C 132 -15.52 6.53 6.25
CA ALA C 132 -16.94 6.82 6.35
C ALA C 132 -17.74 6.54 5.09
N PHE C 133 -17.37 7.13 3.97
CA PHE C 133 -18.11 6.88 2.75
C PHE C 133 -17.94 5.44 2.26
N ARG C 134 -16.78 4.84 2.53
CA ARG C 134 -16.52 3.46 2.14
C ARG C 134 -17.53 2.58 2.87
N ASP C 135 -17.63 2.79 4.16
CA ASP C 135 -18.57 2.02 4.96
C ASP C 135 -20.01 2.35 4.62
N LEU C 136 -20.26 3.56 4.13
CA LEU C 136 -21.64 3.92 3.77
C LEU C 136 -22.01 3.19 2.48
N VAL C 137 -21.06 3.08 1.56
CA VAL C 137 -21.29 2.36 0.32
C VAL C 137 -21.60 0.91 0.64
N ILE C 138 -20.83 0.33 1.56
CA ILE C 138 -21.03 -1.04 1.96
C ILE C 138 -22.40 -1.26 2.61
N LYS C 139 -22.82 -0.34 3.47
CA LYS C 139 -24.12 -0.47 4.11
C LYS C 139 -25.28 -0.43 3.11
N HIS C 140 -25.12 0.35 2.04
CA HIS C 140 -26.17 0.45 1.02
C HIS C 140 -26.22 -0.84 0.21
N GLY C 141 -25.30 -1.77 0.50
CA GLY C 141 -25.28 -3.05 -0.16
C GLY C 141 -24.64 -3.11 -1.53
N ALA C 142 -23.51 -2.41 -1.71
CA ALA C 142 -22.83 -2.40 -2.99
C ALA C 142 -22.04 -3.66 -3.33
N ILE C 143 -21.51 -4.33 -2.30
CA ILE C 143 -20.69 -5.52 -2.51
C ILE C 143 -21.33 -6.66 -3.31
N ASP C 144 -22.53 -7.09 -2.95
CA ASP C 144 -23.18 -8.17 -3.69
C ASP C 144 -23.25 -7.89 -5.19
N PRO C 145 -23.83 -6.74 -5.57
CA PRO C 145 -23.94 -6.39 -6.99
C PRO C 145 -22.57 -6.33 -7.66
N LEU C 146 -21.60 -5.73 -6.97
CA LEU C 146 -20.25 -5.62 -7.53
C LEU C 146 -19.67 -7.01 -7.80
N LEU C 147 -19.70 -7.88 -6.79
CA LEU C 147 -19.16 -9.22 -6.94
C LEU C 147 -19.89 -10.01 -8.02
N ALA C 148 -21.20 -9.83 -8.09
CA ALA C 148 -22.01 -10.51 -9.09
C ALA C 148 -21.53 -10.19 -10.51
N LEU C 149 -20.98 -9.00 -10.71
CA LEU C 149 -20.48 -8.61 -12.04
C LEU C 149 -19.26 -9.41 -12.46
N LEU C 150 -18.54 -9.96 -11.49
CA LEU C 150 -17.36 -10.77 -11.76
C LEU C 150 -17.69 -12.25 -11.71
N ALA C 151 -18.94 -12.58 -11.43
CA ALA C 151 -19.35 -13.98 -11.34
C ALA C 151 -19.51 -14.64 -12.71
N VAL C 152 -18.38 -14.87 -13.37
CA VAL C 152 -18.35 -15.50 -14.68
C VAL C 152 -17.32 -16.63 -14.66
N PRO C 153 -17.49 -17.63 -15.54
CA PRO C 153 -16.55 -18.76 -15.59
C PRO C 153 -15.10 -18.36 -15.82
N ASP C 154 -14.88 -17.40 -16.71
CA ASP C 154 -13.54 -16.94 -17.03
C ASP C 154 -13.46 -15.42 -17.18
N LEU C 155 -12.72 -14.80 -16.28
CA LEU C 155 -12.53 -13.35 -16.26
C LEU C 155 -12.08 -12.77 -17.59
N SER C 156 -11.38 -13.58 -18.38
CA SER C 156 -10.87 -13.12 -19.66
C SER C 156 -11.94 -12.78 -20.70
N THR C 157 -13.20 -13.13 -20.45
CA THR C 157 -14.26 -12.82 -21.41
C THR C 157 -14.83 -11.44 -21.11
N LEU C 158 -14.44 -10.87 -19.98
CA LEU C 158 -14.90 -9.54 -19.61
C LEU C 158 -14.03 -8.54 -20.33
N ALA C 159 -14.60 -7.39 -20.67
CA ALA C 159 -13.83 -6.35 -21.34
C ALA C 159 -12.71 -5.93 -20.38
N CYS C 160 -11.52 -5.77 -20.91
CA CYS C 160 -10.38 -5.40 -20.11
C CYS C 160 -10.55 -4.11 -19.30
N GLY C 161 -11.02 -3.06 -19.94
CA GLY C 161 -11.23 -1.81 -19.23
C GLY C 161 -12.25 -1.97 -18.13
N TYR C 162 -13.27 -2.79 -18.40
CA TYR C 162 -14.34 -3.04 -17.44
C TYR C 162 -13.84 -3.78 -16.20
N LEU C 163 -12.97 -4.77 -16.41
CA LEU C 163 -12.41 -5.56 -15.32
C LEU C 163 -11.42 -4.77 -14.48
N ARG C 164 -10.68 -3.87 -15.10
CA ARG C 164 -9.73 -3.05 -14.36
C ARG C 164 -10.50 -2.12 -13.43
N ASN C 165 -11.63 -1.62 -13.91
CA ASN C 165 -12.47 -0.73 -13.12
C ASN C 165 -13.03 -1.39 -11.87
N LEU C 166 -13.61 -2.59 -12.03
CA LEU C 166 -14.16 -3.33 -10.89
C LEU C 166 -13.06 -3.62 -9.89
N THR C 167 -11.94 -4.11 -10.38
CA THR C 167 -10.81 -4.43 -9.52
C THR C 167 -10.40 -3.21 -8.71
N TRP C 168 -10.25 -2.09 -9.38
CA TRP C 168 -9.85 -0.87 -8.70
C TRP C 168 -10.88 -0.45 -7.64
N THR C 169 -12.17 -0.50 -7.99
CA THR C 169 -13.20 -0.11 -7.03
C THR C 169 -13.25 -1.05 -5.82
N LEU C 170 -13.04 -2.34 -6.06
CA LEU C 170 -13.03 -3.28 -4.94
C LEU C 170 -11.85 -2.98 -4.03
N SER C 171 -10.71 -2.63 -4.64
CA SER C 171 -9.53 -2.33 -3.84
C SER C 171 -9.82 -1.14 -2.92
N ASN C 172 -10.62 -0.17 -3.38
CA ASN C 172 -10.95 0.97 -2.53
C ASN C 172 -11.88 0.57 -1.39
N LEU C 173 -12.68 -0.47 -1.58
CA LEU C 173 -13.58 -0.95 -0.53
C LEU C 173 -12.76 -1.69 0.52
N CYS C 174 -11.54 -2.06 0.13
CA CYS C 174 -10.61 -2.75 1.03
C CYS C 174 -9.61 -1.77 1.64
N ARG C 175 -9.71 -0.52 1.21
CA ARG C 175 -8.79 0.52 1.64
C ARG C 175 -9.14 1.35 2.87
N ASN C 176 -8.11 1.95 3.46
CA ASN C 176 -8.20 2.81 4.65
C ASN C 176 -8.23 2.05 5.96
N LYS C 177 -7.75 2.70 7.02
CA LYS C 177 -7.63 2.05 8.33
C LYS C 177 -8.35 2.52 9.59
N ASN C 178 -8.81 3.76 9.68
CA ASN C 178 -9.47 4.16 10.92
C ASN C 178 -10.95 4.47 10.76
N PRO C 179 -11.81 3.45 10.87
CA PRO C 179 -11.48 2.05 11.12
C PRO C 179 -11.19 1.27 9.85
N ALA C 180 -10.80 0.02 10.01
CA ALA C 180 -10.52 -0.85 8.86
C ALA C 180 -11.90 -1.26 8.31
N PRO C 181 -11.96 -1.79 7.08
CA PRO C 181 -13.24 -2.19 6.52
C PRO C 181 -13.90 -3.21 7.44
N PRO C 182 -15.24 -3.36 7.35
CA PRO C 182 -15.92 -4.34 8.21
C PRO C 182 -15.40 -5.75 7.97
N LEU C 183 -15.17 -6.49 9.04
CA LEU C 183 -14.67 -7.86 8.93
C LEU C 183 -15.47 -8.75 7.99
N ASP C 184 -16.79 -8.71 8.09
CA ASP C 184 -17.59 -9.56 7.22
C ASP C 184 -17.55 -9.07 5.78
N ALA C 185 -17.25 -7.79 5.60
CA ALA C 185 -17.16 -7.25 4.24
C ALA C 185 -15.89 -7.78 3.58
N VAL C 186 -14.81 -7.85 4.36
CA VAL C 186 -13.54 -8.35 3.85
C VAL C 186 -13.67 -9.82 3.48
N GLU C 187 -14.34 -10.60 4.32
CA GLU C 187 -14.52 -12.03 4.05
C GLU C 187 -15.32 -12.25 2.76
N GLN C 188 -16.32 -11.39 2.55
CA GLN C 188 -17.16 -11.48 1.37
C GLN C 188 -16.36 -11.21 0.10
N ILE C 189 -15.50 -10.20 0.18
CA ILE C 189 -14.68 -9.77 -0.95
C ILE C 189 -13.45 -10.64 -1.27
N LEU C 190 -12.77 -11.12 -0.24
CA LEU C 190 -11.54 -11.91 -0.39
C LEU C 190 -11.50 -13.01 -1.45
N PRO C 191 -12.53 -13.88 -1.50
CA PRO C 191 -12.52 -14.95 -2.51
C PRO C 191 -12.38 -14.42 -3.94
N THR C 192 -13.03 -13.30 -4.24
CA THR C 192 -12.97 -12.71 -5.57
C THR C 192 -11.59 -12.09 -5.75
N LEU C 193 -11.12 -11.44 -4.70
CA LEU C 193 -9.81 -10.82 -4.72
C LEU C 193 -8.76 -11.89 -5.07
N VAL C 194 -8.92 -13.07 -4.48
CA VAL C 194 -8.00 -14.17 -4.73
C VAL C 194 -8.05 -14.57 -6.22
N ARG C 195 -9.24 -14.51 -6.80
CA ARG C 195 -9.40 -14.86 -8.20
C ARG C 195 -8.79 -13.81 -9.12
N LEU C 196 -8.88 -12.55 -8.73
CA LEU C 196 -8.32 -11.47 -9.53
C LEU C 196 -6.78 -11.51 -9.46
N LEU C 197 -6.27 -12.07 -8.37
CA LEU C 197 -4.83 -12.18 -8.14
C LEU C 197 -4.18 -13.18 -9.10
N HIS C 198 -5.00 -13.98 -9.76
CA HIS C 198 -4.51 -14.98 -10.70
C HIS C 198 -4.79 -14.63 -12.15
N HIS C 199 -5.37 -13.45 -12.36
CA HIS C 199 -5.70 -12.99 -13.71
C HIS C 199 -4.42 -12.61 -14.44
N ASN C 200 -4.48 -12.49 -15.76
CA ASN C 200 -3.28 -12.17 -16.53
C ASN C 200 -3.02 -10.70 -16.84
N ASP C 201 -3.97 -9.82 -16.53
CA ASP C 201 -3.78 -8.39 -16.81
C ASP C 201 -2.90 -7.72 -15.75
N PRO C 202 -1.84 -7.04 -16.17
CA PRO C 202 -0.94 -6.37 -15.22
C PRO C 202 -1.58 -5.35 -14.29
N GLU C 203 -2.55 -4.59 -14.77
CA GLU C 203 -3.21 -3.60 -13.93
C GLU C 203 -4.13 -4.27 -12.92
N VAL C 204 -4.79 -5.35 -13.34
CA VAL C 204 -5.67 -6.09 -12.44
C VAL C 204 -4.80 -6.67 -11.34
N LEU C 205 -3.66 -7.24 -11.71
CA LEU C 205 -2.74 -7.84 -10.75
C LEU C 205 -2.22 -6.82 -9.75
N ALA C 206 -1.76 -5.67 -10.24
CA ALA C 206 -1.23 -4.64 -9.37
C ALA C 206 -2.28 -4.17 -8.36
N ASP C 207 -3.47 -3.81 -8.85
CA ASP C 207 -4.51 -3.34 -7.97
C ASP C 207 -5.00 -4.41 -6.99
N SER C 208 -4.97 -5.67 -7.40
CA SER C 208 -5.37 -6.77 -6.51
C SER C 208 -4.35 -6.88 -5.38
N CYS C 209 -3.07 -6.72 -5.71
CA CYS C 209 -2.01 -6.77 -4.71
C CYS C 209 -2.14 -5.62 -3.74
N TRP C 210 -2.55 -4.47 -4.26
CA TRP C 210 -2.71 -3.32 -3.41
C TRP C 210 -3.84 -3.59 -2.43
N ALA C 211 -4.92 -4.20 -2.92
CA ALA C 211 -6.04 -4.52 -2.05
C ALA C 211 -5.56 -5.46 -0.95
N ILE C 212 -4.81 -6.50 -1.34
CA ILE C 212 -4.30 -7.44 -0.37
C ILE C 212 -3.33 -6.74 0.58
N SER C 213 -2.66 -5.69 0.10
CA SER C 213 -1.73 -4.96 0.96
C SER C 213 -2.47 -4.07 1.94
N TYR C 214 -3.67 -3.62 1.57
CA TYR C 214 -4.44 -2.79 2.49
C TYR C 214 -4.98 -3.71 3.61
N LEU C 215 -5.42 -4.90 3.22
CA LEU C 215 -5.98 -5.86 4.15
C LEU C 215 -4.97 -6.45 5.14
N THR C 216 -3.70 -6.50 4.74
CA THR C 216 -2.67 -7.05 5.60
C THR C 216 -1.99 -5.97 6.44
N ASP C 217 -2.43 -4.74 6.28
CA ASP C 217 -1.85 -3.61 7.01
C ASP C 217 -2.69 -3.32 8.25
N GLY C 218 -2.45 -4.08 9.31
CA GLY C 218 -3.19 -3.88 10.54
C GLY C 218 -2.89 -4.94 11.58
N PRO C 219 -3.84 -5.21 12.49
CA PRO C 219 -3.69 -6.21 13.56
C PRO C 219 -3.51 -7.60 12.94
N ASN C 220 -2.64 -8.41 13.56
CA ASN C 220 -2.37 -9.75 13.07
C ASN C 220 -3.61 -10.60 12.75
N GLU C 221 -4.75 -10.24 13.31
CA GLU C 221 -5.98 -11.01 13.03
C GLU C 221 -6.40 -10.74 11.59
N ARG C 222 -6.13 -9.52 11.13
CA ARG C 222 -6.47 -9.16 9.76
C ARG C 222 -5.55 -9.91 8.81
N ILE C 223 -4.26 -9.96 9.15
CA ILE C 223 -3.29 -10.67 8.34
C ILE C 223 -3.71 -12.13 8.23
N GLU C 224 -4.23 -12.67 9.33
CA GLU C 224 -4.65 -14.06 9.38
C GLU C 224 -5.74 -14.43 8.37
N MET C 225 -6.77 -13.59 8.25
CA MET C 225 -7.83 -13.90 7.31
C MET C 225 -7.34 -13.87 5.87
N VAL C 226 -6.27 -13.13 5.60
CA VAL C 226 -5.71 -13.07 4.25
C VAL C 226 -4.83 -14.31 4.00
N VAL C 227 -3.90 -14.56 4.92
CA VAL C 227 -3.00 -15.72 4.80
C VAL C 227 -3.82 -17.01 4.77
N LYS C 228 -4.94 -17.02 5.50
CA LYS C 228 -5.82 -18.18 5.57
C LYS C 228 -6.31 -18.60 4.19
N LYS C 229 -6.39 -17.65 3.26
CA LYS C 229 -6.86 -17.93 1.91
C LYS C 229 -5.79 -18.59 1.03
N GLY C 230 -4.56 -18.68 1.56
CA GLY C 230 -3.49 -19.31 0.82
C GLY C 230 -2.94 -18.53 -0.37
N VAL C 231 -2.90 -17.20 -0.24
CA VAL C 231 -2.40 -16.35 -1.32
C VAL C 231 -0.91 -16.04 -1.25
N VAL C 232 -0.26 -16.40 -0.13
CA VAL C 232 1.17 -16.11 0.02
C VAL C 232 2.02 -16.63 -1.16
N PRO C 233 1.79 -17.87 -1.60
CA PRO C 233 2.60 -18.37 -2.73
C PRO C 233 2.47 -17.49 -3.97
N GLN C 234 1.23 -17.14 -4.32
CA GLN C 234 0.95 -16.29 -5.49
C GLN C 234 1.60 -14.92 -5.32
N LEU C 235 1.56 -14.41 -4.11
CA LEU C 235 2.16 -13.12 -3.81
C LEU C 235 3.68 -13.18 -4.00
N VAL C 236 4.29 -14.28 -3.57
CA VAL C 236 5.73 -14.44 -3.72
C VAL C 236 6.06 -14.46 -5.20
N LYS C 237 5.23 -15.15 -5.95
CA LYS C 237 5.42 -15.24 -7.39
C LYS C 237 5.33 -13.84 -8.00
N LEU C 238 4.32 -13.07 -7.60
CA LEU C 238 4.16 -11.74 -8.13
C LEU C 238 5.33 -10.87 -7.69
N LEU C 239 5.99 -11.30 -6.62
CA LEU C 239 7.13 -10.59 -6.06
C LEU C 239 8.31 -10.64 -7.03
N GLY C 240 8.36 -11.69 -7.84
CA GLY C 240 9.43 -11.83 -8.81
C GLY C 240 9.03 -11.36 -10.18
N ALA C 241 7.99 -10.53 -10.25
CA ALA C 241 7.49 -10.02 -11.51
C ALA C 241 8.41 -9.00 -12.16
N THR C 242 8.33 -8.93 -13.49
CA THR C 242 9.13 -8.02 -14.29
C THR C 242 8.70 -6.57 -14.09
N GLU C 243 7.39 -6.37 -14.00
CA GLU C 243 6.82 -5.04 -13.85
C GLU C 243 6.85 -4.47 -12.45
N LEU C 244 7.50 -3.31 -12.33
CA LEU C 244 7.61 -2.59 -11.06
C LEU C 244 6.24 -2.31 -10.42
N PRO C 245 5.21 -2.04 -11.25
CA PRO C 245 3.88 -1.76 -10.70
C PRO C 245 3.25 -2.97 -10.01
N ILE C 246 3.78 -4.16 -10.28
CA ILE C 246 3.25 -5.36 -9.66
C ILE C 246 4.09 -5.70 -8.45
N VAL C 247 5.41 -5.57 -8.60
CA VAL C 247 6.33 -5.87 -7.53
C VAL C 247 6.13 -4.96 -6.31
N THR C 248 5.96 -3.67 -6.54
CA THR C 248 5.79 -2.76 -5.41
C THR C 248 4.67 -3.15 -4.46
N PRO C 249 3.45 -3.41 -4.99
CA PRO C 249 2.35 -3.80 -4.11
C PRO C 249 2.53 -5.22 -3.52
N ALA C 250 3.19 -6.10 -4.27
CA ALA C 250 3.42 -7.46 -3.81
C ALA C 250 4.33 -7.43 -2.59
N LEU C 251 5.40 -6.65 -2.70
CA LEU C 251 6.37 -6.50 -1.63
C LEU C 251 5.73 -5.86 -0.41
N ARG C 252 4.82 -4.92 -0.63
CA ARG C 252 4.14 -4.28 0.47
C ARG C 252 3.34 -5.33 1.23
N ALA C 253 2.60 -6.16 0.48
CA ALA C 253 1.78 -7.20 1.09
C ALA C 253 2.63 -8.21 1.86
N ILE C 254 3.70 -8.68 1.22
CA ILE C 254 4.59 -9.64 1.87
C ILE C 254 5.22 -8.99 3.10
N GLY C 255 5.63 -7.73 2.97
CA GLY C 255 6.22 -7.01 4.08
C GLY C 255 5.26 -6.82 5.25
N ASN C 256 3.98 -6.63 4.95
CA ASN C 256 2.98 -6.46 6.02
C ASN C 256 2.77 -7.79 6.75
N ILE C 257 2.72 -8.87 5.99
CA ILE C 257 2.51 -10.20 6.55
C ILE C 257 3.59 -10.60 7.55
N VAL C 258 4.83 -10.25 7.27
CA VAL C 258 5.92 -10.62 8.18
C VAL C 258 5.96 -9.75 9.43
N THR C 259 5.06 -8.79 9.55
CA THR C 259 4.99 -7.96 10.75
C THR C 259 4.08 -8.67 11.75
N GLY C 260 3.49 -9.78 11.30
CA GLY C 260 2.59 -10.54 12.16
C GLY C 260 3.30 -11.49 13.11
N THR C 261 2.74 -12.68 13.26
CA THR C 261 3.30 -13.71 14.14
C THR C 261 4.39 -14.49 13.44
N ASP C 262 5.15 -15.27 14.20
CA ASP C 262 6.22 -16.06 13.62
C ASP C 262 5.64 -17.08 12.64
N GLU C 263 4.45 -17.57 12.95
CA GLU C 263 3.78 -18.54 12.09
C GLU C 263 3.46 -17.94 10.72
N GLN C 264 2.94 -16.71 10.73
CA GLN C 264 2.60 -16.03 9.48
C GLN C 264 3.86 -15.69 8.71
N THR C 265 4.92 -15.30 9.43
CA THR C 265 6.19 -14.98 8.79
C THR C 265 6.72 -16.25 8.09
N GLN C 266 6.65 -17.36 8.80
CA GLN C 266 7.11 -18.65 8.28
C GLN C 266 6.41 -19.01 6.97
N LYS C 267 5.19 -18.51 6.79
CA LYS C 267 4.45 -18.80 5.56
C LYS C 267 5.15 -18.21 4.33
N VAL C 268 5.67 -16.99 4.44
CA VAL C 268 6.32 -16.40 3.27
C VAL C 268 7.67 -17.07 3.04
N ILE C 269 8.36 -17.42 4.13
CA ILE C 269 9.64 -18.11 4.04
C ILE C 269 9.40 -19.44 3.33
N ASP C 270 8.40 -20.19 3.79
CA ASP C 270 8.06 -21.48 3.19
C ASP C 270 7.69 -21.30 1.74
N ALA C 271 7.03 -20.18 1.44
CA ALA C 271 6.61 -19.90 0.07
C ALA C 271 7.81 -19.68 -0.85
N GLY C 272 9.00 -19.52 -0.27
CA GLY C 272 10.22 -19.34 -1.06
C GLY C 272 10.55 -17.88 -1.36
N ALA C 273 10.02 -16.98 -0.54
CA ALA C 273 10.24 -15.55 -0.70
C ALA C 273 11.68 -15.07 -0.58
N LEU C 274 12.45 -15.68 0.31
CA LEU C 274 13.82 -15.27 0.52
C LEU C 274 14.71 -15.33 -0.73
N ALA C 275 14.42 -16.24 -1.65
CA ALA C 275 15.21 -16.38 -2.87
C ALA C 275 15.15 -15.15 -3.78
N VAL C 276 14.14 -14.31 -3.58
CA VAL C 276 13.95 -13.13 -4.39
C VAL C 276 14.71 -11.91 -3.88
N PHE C 277 15.02 -11.89 -2.59
CA PHE C 277 15.70 -10.75 -2.00
C PHE C 277 17.08 -10.33 -2.50
N PRO C 278 17.88 -11.28 -3.01
CA PRO C 278 19.19 -10.79 -3.48
C PRO C 278 18.92 -9.72 -4.53
N SER C 279 17.86 -9.93 -5.30
CA SER C 279 17.46 -9.01 -6.36
C SER C 279 16.78 -7.75 -5.81
N LEU C 280 15.83 -7.93 -4.89
CA LEU C 280 15.11 -6.82 -4.29
C LEU C 280 16.02 -5.89 -3.50
N LEU C 281 17.04 -6.46 -2.85
CA LEU C 281 17.98 -5.67 -2.05
C LEU C 281 18.99 -4.91 -2.88
N THR C 282 19.02 -5.15 -4.19
CA THR C 282 19.95 -4.43 -5.06
C THR C 282 19.13 -3.76 -6.17
N ASN C 283 17.82 -3.80 -6.02
CA ASN C 283 16.89 -3.23 -7.01
C ASN C 283 17.18 -1.78 -7.32
N PRO C 284 17.06 -1.36 -8.59
CA PRO C 284 17.33 0.01 -9.01
C PRO C 284 16.49 1.08 -8.33
N LYS C 285 15.26 0.74 -7.92
CA LYS C 285 14.41 1.73 -7.24
C LYS C 285 14.60 1.74 -5.74
N THR C 286 15.01 2.92 -5.25
CA THR C 286 15.28 3.13 -3.85
C THR C 286 14.16 2.63 -2.97
N ASN C 287 12.93 2.87 -3.42
CA ASN C 287 11.76 2.47 -2.67
C ASN C 287 11.57 0.96 -2.61
N ILE C 288 11.90 0.22 -3.67
CA ILE C 288 11.76 -1.24 -3.59
C ILE C 288 12.84 -1.74 -2.64
N GLN C 289 13.99 -1.08 -2.73
CA GLN C 289 15.13 -1.42 -1.91
C GLN C 289 14.87 -1.13 -0.43
N LYS C 290 14.17 -0.03 -0.15
CA LYS C 290 13.85 0.37 1.22
C LYS C 290 12.85 -0.60 1.87
N GLU C 291 11.77 -0.89 1.15
CA GLU C 291 10.75 -1.78 1.68
C GLU C 291 11.24 -3.22 1.79
N ALA C 292 12.24 -3.57 0.99
CA ALA C 292 12.79 -4.90 1.03
C ALA C 292 13.60 -5.05 2.32
N THR C 293 14.37 -4.02 2.64
CA THR C 293 15.19 -4.04 3.84
C THR C 293 14.29 -3.98 5.07
N TRP C 294 13.18 -3.23 4.96
CA TRP C 294 12.21 -3.13 6.04
C TRP C 294 11.63 -4.52 6.25
N THR C 295 11.27 -5.17 5.15
CA THR C 295 10.71 -6.52 5.23
C THR C 295 11.72 -7.47 5.86
N MET C 296 12.98 -7.34 5.45
CA MET C 296 14.05 -8.17 6.00
C MET C 296 14.18 -7.95 7.51
N SER C 297 14.09 -6.69 7.94
CA SER C 297 14.20 -6.36 9.36
C SER C 297 13.15 -7.05 10.22
N ASN C 298 11.95 -7.24 9.69
CA ASN C 298 10.92 -7.92 10.46
C ASN C 298 11.11 -9.43 10.43
N ILE C 299 11.95 -9.90 9.51
CA ILE C 299 12.22 -11.32 9.45
C ILE C 299 13.35 -11.61 10.42
N THR C 300 14.34 -10.71 10.50
CA THR C 300 15.43 -10.95 11.44
C THR C 300 14.91 -10.72 12.86
N ALA C 301 13.70 -10.18 12.97
CA ALA C 301 13.09 -9.96 14.26
C ALA C 301 12.32 -11.22 14.65
N GLY C 302 12.45 -12.26 13.82
CA GLY C 302 11.76 -13.52 14.08
C GLY C 302 12.55 -14.50 14.92
N ARG C 303 12.23 -15.79 14.78
CA ARG C 303 12.91 -16.85 15.52
C ARG C 303 14.31 -17.07 14.97
N GLN C 304 15.12 -17.81 15.72
CA GLN C 304 16.48 -18.09 15.29
C GLN C 304 16.45 -19.00 14.07
N ASP C 305 15.53 -19.96 14.02
CA ASP C 305 15.45 -20.85 12.88
C ASP C 305 15.08 -20.05 11.64
N GLN C 306 14.45 -18.89 11.86
CA GLN C 306 14.06 -18.02 10.75
C GLN C 306 15.26 -17.15 10.43
N ILE C 307 15.98 -16.72 11.46
CA ILE C 307 17.18 -15.90 11.26
C ILE C 307 18.19 -16.74 10.48
N GLN C 308 18.15 -18.06 10.68
CA GLN C 308 19.07 -18.95 9.98
C GLN C 308 18.73 -19.08 8.50
N GLN C 309 17.45 -19.02 8.16
CA GLN C 309 17.03 -19.12 6.78
C GLN C 309 17.54 -17.88 6.06
N VAL C 310 17.58 -16.77 6.80
CA VAL C 310 18.08 -15.52 6.24
C VAL C 310 19.57 -15.74 5.93
N VAL C 311 20.26 -16.47 6.82
CA VAL C 311 21.67 -16.76 6.65
C VAL C 311 21.91 -17.71 5.48
N ASN C 312 21.16 -18.81 5.44
CA ASN C 312 21.31 -19.81 4.40
C ASN C 312 21.07 -19.31 2.98
N HIS C 313 20.21 -18.30 2.82
CA HIS C 313 19.94 -17.76 1.49
C HIS C 313 21.04 -16.77 1.12
N GLY C 314 22.02 -16.63 2.01
CA GLY C 314 23.13 -15.73 1.77
C GLY C 314 22.72 -14.28 1.76
N LEU C 315 21.75 -13.91 2.58
CA LEU C 315 21.27 -12.53 2.62
C LEU C 315 21.99 -11.59 3.56
N VAL C 316 22.83 -12.11 4.45
CA VAL C 316 23.56 -11.24 5.36
C VAL C 316 24.46 -10.29 4.57
N PRO C 317 25.19 -10.82 3.56
CA PRO C 317 26.08 -10.00 2.74
C PRO C 317 25.33 -8.88 2.04
N PHE C 318 24.07 -9.14 1.66
CA PHE C 318 23.25 -8.13 1.00
C PHE C 318 22.85 -7.06 2.01
N LEU C 319 22.69 -7.45 3.27
CA LEU C 319 22.37 -6.50 4.32
C LEU C 319 23.60 -5.61 4.56
N VAL C 320 24.79 -6.22 4.51
CA VAL C 320 26.03 -5.49 4.71
C VAL C 320 26.17 -4.46 3.59
N GLY C 321 25.78 -4.86 2.38
CA GLY C 321 25.87 -3.97 1.24
C GLY C 321 24.93 -2.78 1.34
N VAL C 322 23.70 -3.04 1.76
CA VAL C 322 22.71 -1.99 1.90
C VAL C 322 23.11 -1.07 3.04
N LEU C 323 23.74 -1.63 4.07
CA LEU C 323 24.19 -0.84 5.21
C LEU C 323 25.39 0.03 4.77
N SER C 324 26.18 -0.51 3.85
CA SER C 324 27.37 0.17 3.34
C SER C 324 27.07 1.29 2.34
N LYS C 325 26.13 1.04 1.43
CA LYS C 325 25.78 2.02 0.42
C LYS C 325 24.32 1.92 -0.02
N ALA C 326 23.54 2.92 0.34
CA ALA C 326 22.14 2.95 -0.04
C ALA C 326 21.52 4.29 0.34
N ASP C 327 20.29 4.48 -0.08
CA ASP C 327 19.55 5.68 0.25
C ASP C 327 19.55 5.64 1.78
N PHE C 328 19.64 6.80 2.44
CA PHE C 328 19.67 6.81 3.89
C PHE C 328 18.53 6.08 4.58
N LYS C 329 17.31 6.25 4.09
CA LYS C 329 16.17 5.56 4.69
C LYS C 329 16.38 4.06 4.68
N THR C 330 16.88 3.53 3.56
CA THR C 330 17.15 2.11 3.43
C THR C 330 18.21 1.73 4.45
N GLN C 331 19.26 2.55 4.55
CA GLN C 331 20.33 2.28 5.51
C GLN C 331 19.79 2.17 6.93
N LYS C 332 18.80 3.01 7.23
CA LYS C 332 18.18 3.03 8.54
C LYS C 332 17.39 1.74 8.78
N GLU C 333 16.79 1.20 7.71
CA GLU C 333 16.02 -0.04 7.82
C GLU C 333 17.04 -1.19 7.95
N ALA C 334 18.24 -0.95 7.44
CA ALA C 334 19.29 -1.96 7.52
C ALA C 334 19.76 -2.04 8.97
N ALA C 335 19.89 -0.87 9.59
CA ALA C 335 20.33 -0.81 10.97
C ALA C 335 19.37 -1.63 11.82
N TRP C 336 18.07 -1.43 11.61
CA TRP C 336 17.07 -2.19 12.37
C TRP C 336 17.20 -3.68 12.16
N ALA C 337 17.32 -4.08 10.89
CA ALA C 337 17.45 -5.49 10.56
C ALA C 337 18.63 -6.09 11.34
N ILE C 338 19.70 -5.32 11.46
CA ILE C 338 20.88 -5.78 12.18
C ILE C 338 20.64 -5.84 13.68
N THR C 339 20.05 -4.78 14.23
CA THR C 339 19.76 -4.75 15.66
C THR C 339 18.81 -5.90 16.03
N ASN C 340 17.88 -6.23 15.14
CA ASN C 340 16.94 -7.31 15.42
C ASN C 340 17.63 -8.65 15.35
N TYR C 341 18.53 -8.78 14.39
CA TYR C 341 19.28 -10.01 14.18
C TYR C 341 20.17 -10.28 15.41
N THR C 342 20.83 -9.23 15.92
CA THR C 342 21.72 -9.38 17.07
C THR C 342 21.03 -9.60 18.40
N SER C 343 19.79 -9.14 18.52
CA SER C 343 19.06 -9.30 19.78
C SER C 343 18.41 -10.69 19.90
N GLY C 344 18.11 -11.31 18.76
CA GLY C 344 17.48 -12.61 18.82
C GLY C 344 18.30 -13.77 18.27
N GLY C 345 19.45 -13.44 17.68
CA GLY C 345 20.29 -14.47 17.11
C GLY C 345 21.15 -15.23 18.11
N THR C 346 21.66 -16.38 17.66
CA THR C 346 22.52 -17.22 18.48
C THR C 346 23.92 -16.64 18.39
N VAL C 347 24.81 -17.02 19.30
CA VAL C 347 26.18 -16.53 19.28
C VAL C 347 26.84 -16.82 17.93
N GLU C 348 26.60 -18.01 17.40
CA GLU C 348 27.19 -18.39 16.12
C GLU C 348 26.71 -17.47 14.99
N GLN C 349 25.41 -17.15 14.99
CA GLN C 349 24.82 -16.29 13.98
C GLN C 349 25.36 -14.87 14.09
N ILE C 350 25.57 -14.41 15.33
CA ILE C 350 26.09 -13.08 15.55
C ILE C 350 27.57 -13.03 15.14
N VAL C 351 28.27 -14.14 15.33
CA VAL C 351 29.68 -14.21 14.95
C VAL C 351 29.73 -14.09 13.43
N TYR C 352 28.89 -14.88 12.77
CA TYR C 352 28.79 -14.91 11.31
C TYR C 352 28.55 -13.50 10.76
N LEU C 353 27.66 -12.78 11.42
CA LEU C 353 27.35 -11.41 11.02
C LEU C 353 28.64 -10.59 10.99
N VAL C 354 29.47 -10.78 12.00
CA VAL C 354 30.73 -10.05 12.08
C VAL C 354 31.68 -10.46 10.95
N HIS C 355 31.78 -11.75 10.70
CA HIS C 355 32.64 -12.26 9.64
C HIS C 355 32.22 -11.73 8.27
N CYS C 356 30.95 -11.37 8.11
CA CYS C 356 30.50 -10.85 6.83
C CYS C 356 30.93 -9.40 6.66
N GLY C 357 31.46 -8.81 7.71
CA GLY C 357 31.93 -7.44 7.65
C GLY C 357 30.93 -6.37 8.03
N ILE C 358 30.04 -6.69 8.97
CA ILE C 358 29.02 -5.74 9.40
C ILE C 358 29.56 -4.60 10.24
N ILE C 359 30.68 -4.81 10.92
CA ILE C 359 31.22 -3.79 11.80
C ILE C 359 31.56 -2.44 11.20
N GLU C 360 32.37 -2.41 10.15
CA GLU C 360 32.73 -1.13 9.59
C GLU C 360 31.53 -0.30 9.10
N PRO C 361 30.72 -0.85 8.17
CA PRO C 361 29.58 -0.06 7.70
C PRO C 361 28.65 0.40 8.83
N LEU C 362 28.64 -0.35 9.91
CA LEU C 362 27.80 -0.03 11.07
C LEU C 362 28.39 1.15 11.84
N MET C 363 29.72 1.23 11.87
CA MET C 363 30.38 2.35 12.55
C MET C 363 30.24 3.63 11.75
N ASN C 364 30.39 3.52 10.44
CA ASN C 364 30.26 4.69 9.58
C ASN C 364 28.89 5.33 9.71
N LEU C 365 27.88 4.52 9.98
CA LEU C 365 26.53 5.06 10.12
C LEU C 365 26.32 5.72 11.47
N LEU C 366 27.36 5.77 12.29
CA LEU C 366 27.23 6.40 13.59
C LEU C 366 27.39 7.91 13.42
N SER C 367 27.82 8.32 12.23
CA SER C 367 28.03 9.73 11.92
C SER C 367 26.76 10.38 11.38
N ALA C 368 25.67 9.64 11.41
CA ALA C 368 24.39 10.13 10.91
C ALA C 368 23.67 11.01 11.91
N LYS C 369 23.07 12.08 11.40
CA LYS C 369 22.32 13.02 12.23
C LYS C 369 20.90 12.46 12.37
N ASP C 370 20.74 11.52 13.30
CA ASP C 370 19.45 10.87 13.54
C ASP C 370 19.63 10.07 14.81
N THR C 371 19.26 10.66 15.93
CA THR C 371 19.43 10.01 17.22
C THR C 371 18.83 8.62 17.30
N LYS C 372 17.71 8.40 16.61
CA LYS C 372 17.08 7.08 16.66
C LYS C 372 17.97 5.98 16.08
N ILE C 373 18.43 6.15 14.84
CA ILE C 373 19.30 5.17 14.23
C ILE C 373 20.57 4.98 15.06
N ILE C 374 21.08 6.09 15.61
CA ILE C 374 22.28 6.06 16.43
C ILE C 374 22.05 5.17 17.64
N GLN C 375 20.85 5.24 18.20
CA GLN C 375 20.50 4.41 19.35
C GLN C 375 20.50 2.97 18.87
N VAL C 376 19.77 2.73 17.78
CA VAL C 376 19.67 1.41 17.19
C VAL C 376 21.05 0.79 16.91
N ILE C 377 21.97 1.57 16.35
CA ILE C 377 23.30 1.06 16.05
C ILE C 377 24.05 0.71 17.34
N LEU C 378 24.29 1.72 18.17
CA LEU C 378 24.98 1.54 19.46
C LEU C 378 24.42 0.30 20.12
N ASP C 379 23.10 0.21 20.09
CA ASP C 379 22.37 -0.91 20.66
C ASP C 379 22.89 -2.22 20.09
N ALA C 380 22.95 -2.30 18.75
CA ALA C 380 23.43 -3.50 18.07
C ALA C 380 24.85 -3.84 18.53
N ILE C 381 25.68 -2.81 18.66
CA ILE C 381 27.06 -3.01 19.11
C ILE C 381 27.06 -3.75 20.45
N SER C 382 26.25 -3.27 21.38
CA SER C 382 26.12 -3.87 22.69
C SER C 382 25.79 -5.35 22.54
N ASN C 383 24.82 -5.66 21.69
CA ASN C 383 24.43 -7.04 21.45
C ASN C 383 25.63 -7.88 21.01
N ILE C 384 26.40 -7.35 20.06
CA ILE C 384 27.55 -8.06 19.54
C ILE C 384 28.64 -8.29 20.59
N PHE C 385 28.96 -7.25 21.38
CA PHE C 385 29.97 -7.41 22.44
C PHE C 385 29.50 -8.50 23.38
N GLN C 386 28.22 -8.41 23.75
CA GLN C 386 27.60 -9.37 24.64
C GLN C 386 27.86 -10.80 24.16
N ALA C 387 27.83 -10.99 22.85
CA ALA C 387 28.06 -12.30 22.25
C ALA C 387 29.54 -12.65 22.30
N ALA C 388 30.40 -11.64 22.15
CA ALA C 388 31.84 -11.83 22.19
C ALA C 388 32.32 -12.10 23.61
N GLU C 389 31.55 -11.64 24.58
CA GLU C 389 31.87 -11.84 25.99
C GLU C 389 31.76 -13.32 26.31
N LYS C 390 30.67 -13.93 25.82
CA LYS C 390 30.42 -15.35 26.03
C LYS C 390 31.46 -16.18 25.29
N LEU C 391 32.47 -15.52 24.72
CA LEU C 391 33.53 -16.18 23.97
C LEU C 391 34.92 -15.64 24.34
N GLY C 392 34.95 -14.73 25.30
CA GLY C 392 36.21 -14.13 25.72
C GLY C 392 36.92 -13.41 24.59
N GLU C 393 36.17 -13.06 23.55
CA GLU C 393 36.76 -12.37 22.41
C GLU C 393 36.32 -10.91 22.36
N THR C 394 35.86 -10.40 23.50
CA THR C 394 35.43 -9.03 23.60
C THR C 394 36.56 -8.10 23.15
N GLU C 395 37.80 -8.52 23.39
CA GLU C 395 38.95 -7.70 23.01
C GLU C 395 39.21 -7.66 21.50
N LYS C 396 39.07 -8.80 20.84
CA LYS C 396 39.29 -8.82 19.39
C LYS C 396 38.28 -7.89 18.72
N LEU C 397 37.11 -7.80 19.32
CA LEU C 397 36.05 -6.95 18.78
C LEU C 397 36.39 -5.47 18.97
N SER C 398 36.96 -5.14 20.12
CA SER C 398 37.34 -3.76 20.42
C SER C 398 38.32 -3.25 19.37
N ILE C 399 39.37 -4.02 19.12
CA ILE C 399 40.38 -3.65 18.14
C ILE C 399 39.72 -3.33 16.82
N MET C 400 38.96 -4.30 16.30
CA MET C 400 38.25 -4.16 15.03
C MET C 400 37.50 -2.84 14.94
N ILE C 401 36.82 -2.48 16.03
CA ILE C 401 36.06 -1.23 16.10
C ILE C 401 37.01 -0.04 16.11
N GLU C 402 38.21 -0.24 16.65
CA GLU C 402 39.21 0.80 16.69
C GLU C 402 39.79 0.97 15.30
N GLU C 403 40.16 -0.15 14.69
CA GLU C 403 40.73 -0.19 13.35
C GLU C 403 39.97 0.68 12.36
N CYS C 404 38.65 0.52 12.30
CA CYS C 404 37.83 1.28 11.36
C CYS C 404 37.42 2.64 11.88
N GLY C 405 37.76 2.95 13.13
CA GLY C 405 37.41 4.25 13.69
C GLY C 405 36.09 4.29 14.43
N GLY C 406 35.64 3.13 14.91
CA GLY C 406 34.39 3.08 15.64
C GLY C 406 34.54 3.75 16.99
N LEU C 407 35.65 3.44 17.67
CA LEU C 407 35.89 4.03 18.99
C LEU C 407 35.90 5.55 18.92
N ASP C 408 36.61 6.08 17.93
CA ASP C 408 36.71 7.52 17.75
C ASP C 408 35.33 8.14 17.48
N LYS C 409 34.29 7.31 17.47
CA LYS C 409 32.94 7.80 17.24
C LYS C 409 32.02 7.46 18.39
N ILE C 410 32.28 6.34 19.06
CA ILE C 410 31.46 5.96 20.20
C ILE C 410 31.79 6.92 21.33
N GLU C 411 33.06 7.29 21.43
CA GLU C 411 33.52 8.23 22.46
C GLU C 411 32.91 9.60 22.23
N ALA C 412 32.84 10.02 20.97
CA ALA C 412 32.27 11.32 20.63
C ALA C 412 30.79 11.34 20.98
N LEU C 413 30.10 10.23 20.70
CA LEU C 413 28.67 10.14 20.99
C LEU C 413 28.47 10.19 22.51
N GLN C 414 29.48 9.75 23.24
CA GLN C 414 29.43 9.72 24.69
C GLN C 414 29.13 11.11 25.24
N ARG C 415 29.41 12.14 24.44
CA ARG C 415 29.15 13.52 24.84
C ARG C 415 27.98 14.08 24.02
N HIS C 416 27.09 13.19 23.60
CA HIS C 416 25.91 13.54 22.83
C HIS C 416 24.94 14.19 23.83
N GLU C 417 23.89 14.84 23.32
CA GLU C 417 22.93 15.50 24.19
C GLU C 417 21.69 14.67 24.52
N ASN C 418 21.52 13.53 23.85
CA ASN C 418 20.40 12.66 24.10
C ASN C 418 20.83 11.71 25.23
N GLU C 419 20.00 11.57 26.26
CA GLU C 419 20.36 10.73 27.39
C GLU C 419 20.46 9.24 27.04
N SER C 420 19.69 8.81 26.04
CA SER C 420 19.73 7.42 25.62
C SER C 420 21.11 7.17 25.03
N VAL C 421 21.50 8.04 24.10
CA VAL C 421 22.77 7.96 23.40
C VAL C 421 24.03 7.96 24.27
N TYR C 422 24.38 9.12 24.82
CA TYR C 422 25.58 9.23 25.64
C TYR C 422 25.66 8.17 26.74
N LYS C 423 24.52 7.88 27.37
CA LYS C 423 24.50 6.86 28.42
C LYS C 423 24.90 5.51 27.79
N ALA C 424 24.34 5.23 26.62
CA ALA C 424 24.63 4.01 25.89
C ALA C 424 26.10 4.00 25.48
N SER C 425 26.60 5.19 25.14
CA SER C 425 28.00 5.35 24.74
C SER C 425 28.89 5.03 25.93
N LEU C 426 28.75 5.83 26.98
CA LEU C 426 29.51 5.67 28.21
C LEU C 426 29.72 4.20 28.52
N ASN C 427 28.62 3.51 28.83
CA ASN C 427 28.65 2.09 29.15
C ASN C 427 29.64 1.33 28.26
N LEU C 428 29.48 1.45 26.94
CA LEU C 428 30.36 0.78 25.98
C LEU C 428 31.82 1.09 26.28
N ILE C 429 32.17 2.37 26.23
CA ILE C 429 33.53 2.82 26.48
C ILE C 429 34.06 2.29 27.81
N GLU C 430 33.34 2.59 28.90
CA GLU C 430 33.73 2.19 30.24
C GLU C 430 33.55 0.70 30.54
N LYS C 431 33.07 -0.06 29.57
CA LYS C 431 32.87 -1.49 29.78
C LYS C 431 33.60 -2.32 28.73
N TYR C 432 34.09 -1.65 27.69
CA TYR C 432 34.78 -2.35 26.60
C TYR C 432 36.00 -1.65 26.04
N PHE C 433 36.23 -0.40 26.42
CA PHE C 433 37.38 0.33 25.90
C PHE C 433 38.23 1.04 26.95
#